data_3GBP
#
_entry.id   3GBP
#
_cell.length_a   119.590
_cell.length_b   37.280
_cell.length_c   80.230
_cell.angle_alpha   90.00
_cell.angle_beta   123.37
_cell.angle_gamma   90.00
#
_symmetry.space_group_name_H-M   'C 1 2 1'
#
loop_
_entity.id
_entity.type
_entity.pdbx_description
1 polymer 'GALACTOSE-BINDING PROTEIN'
2 non-polymer beta-D-glucopyranose
3 non-polymer 'CALCIUM ION'
4 water water
#
_entity_poly.entity_id   1
_entity_poly.type   'polypeptide(L)'
_entity_poly.pdbx_seq_one_letter_code
;ADTRIGVTIYKYDDNFMSVVRKAIEKDGKSAPDVQLLMNDSQNDQSKQNDQIDVLLAKGVKALAINLVDPAAAGTVIEKA
RGQNVPVVFFNKEPSRKALDSYDKAYYVGTDSKESGVIQGDLIAKHWQANQGWDLNKDGKIQYVLLKGEPGHPDAEARTT
YVVKELNDKGIQTEQLALDTAMWDTAQAKDKMDAWLSGPNANKIEVVIANNDAMAMGAVEALKAHNKSSIPVFGVDALPE
ALALVKSGAMAGTVLNDANNQAKATFDLAKNLAEGKGAADGTSWKIENKIVRVPYVGVDKDNLSEFT
;
_entity_poly.pdbx_strand_id   A
#
loop_
_chem_comp.id
_chem_comp.type
_chem_comp.name
_chem_comp.formula
BGC D-saccharide, beta linking beta-D-glucopyranose 'C6 H12 O6'
CA non-polymer 'CALCIUM ION' 'Ca 2'
#
# COMPACT_ATOMS: atom_id res chain seq x y z
N THR A 3 17.40 17.79 -15.79
CA THR A 3 17.79 16.42 -15.50
C THR A 3 16.61 15.51 -15.87
N ARG A 4 16.82 14.35 -16.52
CA ARG A 4 15.75 13.46 -16.89
C ARG A 4 15.72 12.29 -15.90
N ILE A 5 14.59 12.11 -15.25
CA ILE A 5 14.32 11.04 -14.31
C ILE A 5 13.24 10.15 -14.95
N GLY A 6 13.44 8.86 -15.13
CA GLY A 6 12.45 7.99 -15.71
C GLY A 6 11.83 7.28 -14.53
N VAL A 7 10.51 7.16 -14.53
CA VAL A 7 9.73 6.57 -13.46
C VAL A 7 8.79 5.49 -14.04
N THR A 8 8.76 4.29 -13.44
CA THR A 8 7.81 3.29 -13.84
C THR A 8 6.92 3.01 -12.63
N ILE A 9 5.62 2.92 -12.91
CA ILE A 9 4.56 2.58 -11.97
C ILE A 9 4.12 1.21 -12.45
N TYR A 10 4.01 0.26 -11.52
CA TYR A 10 3.76 -1.10 -11.92
C TYR A 10 2.40 -1.24 -12.57
N LYS A 11 1.41 -0.41 -12.20
CA LYS A 11 0.08 -0.52 -12.77
C LYS A 11 -0.58 0.83 -12.61
N TYR A 12 -0.94 1.61 -13.63
CA TYR A 12 -1.50 2.92 -13.39
C TYR A 12 -2.89 2.98 -12.74
N ASP A 13 -3.69 1.95 -12.86
CA ASP A 13 -5.00 1.96 -12.25
C ASP A 13 -5.03 1.21 -10.92
N ASP A 14 -3.89 0.92 -10.32
CA ASP A 14 -3.87 0.53 -8.94
C ASP A 14 -4.29 1.84 -8.25
N ASN A 15 -5.31 1.89 -7.41
CA ASN A 15 -5.78 3.15 -6.83
C ASN A 15 -4.81 3.86 -5.94
N PHE A 16 -4.05 3.19 -5.09
CA PHE A 16 -3.10 3.90 -4.27
C PHE A 16 -1.93 4.31 -5.17
N MET A 17 -1.46 3.52 -6.14
CA MET A 17 -0.35 3.94 -6.99
C MET A 17 -0.71 5.10 -7.91
N SER A 18 -1.99 5.25 -8.16
CA SER A 18 -2.51 6.37 -8.91
C SER A 18 -2.43 7.67 -8.11
N VAL A 19 -2.65 7.73 -6.80
CA VAL A 19 -2.41 8.97 -6.08
C VAL A 19 -0.90 9.23 -5.88
N VAL A 20 -0.06 8.21 -5.70
CA VAL A 20 1.37 8.41 -5.67
C VAL A 20 1.86 8.97 -6.98
N ARG A 21 1.47 8.38 -8.13
CA ARG A 21 1.90 8.78 -9.47
C ARG A 21 1.64 10.25 -9.71
N LYS A 22 0.39 10.66 -9.46
CA LYS A 22 -0.01 12.03 -9.60
C LYS A 22 0.74 13.01 -8.69
N ALA A 23 1.06 12.64 -7.46
CA ALA A 23 1.81 13.49 -6.55
C ALA A 23 3.24 13.58 -7.06
N ILE A 24 3.83 12.48 -7.60
CA ILE A 24 5.15 12.49 -8.19
C ILE A 24 5.12 13.51 -9.33
N GLU A 25 4.17 13.43 -10.25
CA GLU A 25 4.07 14.40 -11.32
C GLU A 25 3.95 15.82 -10.81
N LYS A 26 3.15 16.17 -9.82
CA LYS A 26 3.02 17.54 -9.38
C LYS A 26 4.38 18.05 -8.87
N ASP A 27 5.09 17.27 -8.06
CA ASP A 27 6.43 17.60 -7.60
C ASP A 27 7.36 17.87 -8.78
N GLY A 28 7.41 17.02 -9.79
CA GLY A 28 8.27 17.22 -10.95
C GLY A 28 7.96 18.51 -11.68
N LYS A 29 6.68 18.87 -11.86
CA LYS A 29 6.23 20.11 -12.52
C LYS A 29 6.53 21.35 -11.70
N SER A 30 6.57 21.29 -10.38
CA SER A 30 6.97 22.46 -9.61
C SER A 30 8.47 22.70 -9.64
N ALA A 31 9.28 21.76 -10.12
CA ALA A 31 10.73 21.87 -10.16
C ALA A 31 11.19 22.12 -11.59
N PRO A 32 11.49 23.36 -12.00
CA PRO A 32 11.72 23.71 -13.39
C PRO A 32 12.89 23.02 -14.11
N ASP A 33 13.87 22.50 -13.37
CA ASP A 33 15.03 21.83 -13.93
C ASP A 33 14.89 20.30 -14.09
N VAL A 34 13.70 19.73 -13.99
CA VAL A 34 13.52 18.29 -14.04
C VAL A 34 12.59 17.92 -15.17
N GLN A 35 12.88 16.82 -15.84
CA GLN A 35 11.97 16.22 -16.79
C GLN A 35 11.78 14.78 -16.29
N LEU A 36 10.55 14.43 -15.91
CA LEU A 36 10.17 13.09 -15.47
C LEU A 36 9.72 12.29 -16.65
N LEU A 37 10.05 11.03 -16.95
CA LEU A 37 9.44 10.37 -18.07
C LEU A 37 8.67 9.21 -17.41
N MET A 38 7.33 9.32 -17.32
CA MET A 38 6.41 8.39 -16.65
C MET A 38 6.04 7.14 -17.42
N ASN A 39 5.98 5.91 -16.89
CA ASN A 39 5.63 4.76 -17.72
C ASN A 39 4.71 3.85 -16.96
N ASP A 40 3.71 3.27 -17.64
CA ASP A 40 2.82 2.33 -17.00
C ASP A 40 3.31 0.96 -17.36
N SER A 41 3.77 0.15 -16.41
CA SER A 41 4.21 -1.20 -16.74
C SER A 41 3.09 -2.25 -16.99
N GLN A 42 1.83 -1.92 -16.63
CA GLN A 42 0.65 -2.74 -16.91
C GLN A 42 0.73 -4.12 -16.26
N ASN A 43 1.23 -4.11 -15.03
CA ASN A 43 1.37 -5.29 -14.19
C ASN A 43 2.11 -6.45 -14.84
N ASP A 44 3.07 -6.14 -15.71
CA ASP A 44 3.91 -7.14 -16.38
C ASP A 44 5.39 -6.80 -16.11
N GLN A 45 6.20 -7.64 -15.48
CA GLN A 45 7.59 -7.30 -15.25
C GLN A 45 8.38 -7.27 -16.57
N SER A 46 8.17 -8.08 -17.61
CA SER A 46 8.89 -7.93 -18.88
C SER A 46 8.54 -6.65 -19.59
N LYS A 47 7.30 -6.20 -19.45
CA LYS A 47 6.87 -4.91 -19.98
C LYS A 47 7.76 -3.87 -19.30
N GLN A 48 7.89 -3.98 -17.98
CA GLN A 48 8.71 -3.04 -17.24
C GLN A 48 10.18 -3.15 -17.63
N ASN A 49 10.72 -4.33 -17.77
CA ASN A 49 12.10 -4.54 -18.13
C ASN A 49 12.47 -3.87 -19.44
N ASP A 50 11.57 -3.92 -20.40
CA ASP A 50 11.86 -3.27 -21.66
C ASP A 50 11.74 -1.77 -21.54
N GLN A 51 10.85 -1.27 -20.66
CA GLN A 51 10.75 0.17 -20.45
C GLN A 51 12.00 0.70 -19.77
N ILE A 52 12.70 -0.01 -18.89
CA ILE A 52 13.96 0.42 -18.29
C ILE A 52 15.06 0.47 -19.34
N ASP A 53 15.06 -0.41 -20.35
CA ASP A 53 15.99 -0.28 -21.46
C ASP A 53 15.76 0.98 -22.28
N VAL A 54 14.50 1.36 -22.57
CA VAL A 54 14.26 2.58 -23.33
C VAL A 54 14.63 3.78 -22.48
N LEU A 55 14.39 3.76 -21.16
CA LEU A 55 14.70 4.91 -20.34
C LEU A 55 16.21 5.15 -20.29
N LEU A 56 16.96 4.06 -20.17
CA LEU A 56 18.42 4.15 -20.22
C LEU A 56 18.90 4.65 -21.60
N ALA A 57 18.30 4.17 -22.71
CA ALA A 57 18.62 4.59 -24.06
C ALA A 57 18.42 6.05 -24.19
N LYS A 58 17.40 6.60 -23.51
CA LYS A 58 17.12 8.02 -23.50
C LYS A 58 17.99 8.86 -22.55
N GLY A 59 18.97 8.30 -21.84
CA GLY A 59 19.90 9.13 -21.08
C GLY A 59 19.37 9.67 -19.76
N VAL A 60 18.48 8.92 -19.09
CA VAL A 60 17.99 9.40 -17.81
C VAL A 60 19.15 9.26 -16.77
N LYS A 61 19.18 10.18 -15.82
CA LYS A 61 20.20 10.29 -14.77
C LYS A 61 19.92 9.56 -13.48
N ALA A 62 18.70 9.12 -13.29
CA ALA A 62 18.21 8.37 -12.14
C ALA A 62 16.92 7.70 -12.59
N LEU A 63 16.60 6.61 -11.92
CA LEU A 63 15.42 5.80 -12.20
C LEU A 63 14.76 5.65 -10.86
N ALA A 64 13.44 5.79 -10.81
CA ALA A 64 12.61 5.55 -9.64
C ALA A 64 11.70 4.43 -10.15
N ILE A 65 11.74 3.24 -9.55
CA ILE A 65 11.07 2.05 -10.09
C ILE A 65 10.11 1.50 -9.04
N ASN A 66 8.88 1.23 -9.45
CA ASN A 66 7.95 0.56 -8.60
C ASN A 66 7.78 -0.75 -9.30
N LEU A 67 8.42 -1.79 -8.79
CA LEU A 67 8.43 -3.09 -9.45
C LEU A 67 7.07 -3.74 -9.55
N VAL A 68 6.90 -4.56 -10.61
CA VAL A 68 5.68 -5.38 -10.67
C VAL A 68 6.10 -6.52 -9.73
N ASP A 69 7.21 -7.20 -9.97
CA ASP A 69 7.69 -8.27 -9.09
C ASP A 69 8.87 -7.79 -8.17
N PRO A 70 8.77 -7.82 -6.82
CA PRO A 70 9.89 -7.59 -5.89
C PRO A 70 11.15 -8.40 -6.21
N ALA A 71 10.99 -9.58 -6.80
CA ALA A 71 12.14 -10.38 -7.19
C ALA A 71 12.85 -9.90 -8.46
N ALA A 72 12.31 -8.99 -9.30
CA ALA A 72 13.05 -8.48 -10.46
C ALA A 72 14.09 -7.40 -10.12
N ALA A 73 14.22 -7.03 -8.84
CA ALA A 73 15.22 -6.05 -8.43
C ALA A 73 16.65 -6.26 -8.98
N GLY A 74 17.19 -7.46 -8.93
CA GLY A 74 18.49 -7.80 -9.47
C GLY A 74 18.58 -7.45 -10.92
N THR A 75 17.58 -7.85 -11.72
CA THR A 75 17.53 -7.52 -13.14
C THR A 75 17.60 -6.01 -13.36
N VAL A 76 16.81 -5.27 -12.62
CA VAL A 76 16.77 -3.84 -12.81
C VAL A 76 18.14 -3.22 -12.44
N ILE A 77 18.76 -3.61 -11.32
CA ILE A 77 20.06 -3.12 -10.86
C ILE A 77 21.14 -3.46 -11.90
N GLU A 78 21.11 -4.62 -12.53
CA GLU A 78 22.17 -4.91 -13.45
C GLU A 78 22.15 -4.07 -14.71
N LYS A 79 20.93 -3.64 -15.10
CA LYS A 79 20.74 -2.77 -16.23
C LYS A 79 21.17 -1.40 -15.81
N ALA A 80 20.79 -0.93 -14.62
CA ALA A 80 21.22 0.40 -14.24
C ALA A 80 22.73 0.53 -14.03
N ARG A 81 23.35 -0.46 -13.43
CA ARG A 81 24.77 -0.51 -13.11
C ARG A 81 25.76 -0.32 -14.24
N GLY A 82 25.51 -0.96 -15.38
CA GLY A 82 26.36 -0.83 -16.54
C GLY A 82 26.54 0.64 -16.89
N GLN A 83 25.49 1.42 -16.66
CA GLN A 83 25.50 2.82 -16.97
C GLN A 83 25.71 3.68 -15.74
N ASN A 84 26.12 3.11 -14.62
CA ASN A 84 26.24 3.83 -13.36
C ASN A 84 25.05 4.73 -13.05
N VAL A 85 23.82 4.25 -13.24
CA VAL A 85 22.65 5.10 -13.02
C VAL A 85 22.10 4.73 -11.64
N PRO A 86 21.77 5.67 -10.74
CA PRO A 86 20.97 5.42 -9.57
C PRO A 86 19.54 4.87 -9.78
N VAL A 87 19.08 3.98 -8.89
CA VAL A 87 17.72 3.44 -8.88
C VAL A 87 17.14 3.68 -7.49
N VAL A 88 16.03 4.42 -7.35
CA VAL A 88 15.25 4.48 -6.11
C VAL A 88 14.04 3.54 -6.37
N PHE A 89 14.04 2.36 -5.74
CA PHE A 89 12.92 1.45 -5.76
C PHE A 89 11.90 2.01 -4.82
N PHE A 90 10.59 2.00 -5.07
CA PHE A 90 9.67 2.47 -4.03
C PHE A 90 8.43 1.61 -3.95
N ASN A 91 7.67 1.64 -2.84
CA ASN A 91 6.46 0.88 -2.55
C ASN A 91 6.49 -0.65 -2.56
N LYS A 92 7.09 -1.43 -3.48
CA LYS A 92 7.27 -2.88 -3.39
C LYS A 92 8.69 -3.15 -2.95
N GLU A 93 8.97 -3.72 -1.79
CA GLU A 93 10.33 -3.77 -1.28
C GLU A 93 11.19 -4.85 -1.88
N PRO A 94 12.36 -4.55 -2.46
CA PRO A 94 13.33 -5.53 -2.85
C PRO A 94 13.97 -6.19 -1.63
N SER A 95 14.53 -7.36 -1.92
CA SER A 95 15.39 -8.12 -1.03
C SER A 95 16.49 -7.23 -0.46
N ARG A 96 16.86 -7.46 0.79
CA ARG A 96 17.95 -6.75 1.43
C ARG A 96 19.25 -6.99 0.67
N LYS A 97 19.45 -8.20 0.19
CA LYS A 97 20.66 -8.54 -0.53
C LYS A 97 20.68 -7.90 -1.94
N ALA A 98 19.49 -7.71 -2.55
CA ALA A 98 19.44 -7.01 -3.82
C ALA A 98 19.75 -5.57 -3.48
N LEU A 99 19.17 -4.88 -2.47
CA LEU A 99 19.52 -3.50 -2.11
C LEU A 99 21.02 -3.35 -1.88
N ASP A 100 21.60 -4.31 -1.13
CA ASP A 100 23.03 -4.32 -0.85
C ASP A 100 23.94 -4.64 -2.03
N SER A 101 23.47 -5.24 -3.13
CA SER A 101 24.37 -5.54 -4.25
C SER A 101 24.79 -4.30 -5.08
N TYR A 102 24.22 -3.12 -4.87
CA TYR A 102 24.52 -2.00 -5.73
C TYR A 102 24.57 -0.82 -4.79
N ASP A 103 25.60 -0.07 -5.04
CA ASP A 103 25.88 1.05 -4.19
C ASP A 103 24.90 2.21 -4.36
N LYS A 104 24.24 2.26 -5.50
CA LYS A 104 23.35 3.35 -5.77
C LYS A 104 21.86 2.96 -5.80
N ALA A 105 21.49 1.86 -5.12
CA ALA A 105 20.14 1.38 -5.03
C ALA A 105 19.59 1.87 -3.70
N TYR A 106 18.44 2.54 -3.67
CA TYR A 106 17.80 3.00 -2.44
C TYR A 106 16.34 2.54 -2.41
N TYR A 107 15.68 2.51 -1.26
CA TYR A 107 14.27 2.14 -1.23
C TYR A 107 13.44 3.15 -0.45
N VAL A 108 12.28 3.58 -0.97
CA VAL A 108 11.33 4.45 -0.26
C VAL A 108 10.05 3.62 -0.07
N GLY A 109 9.71 3.42 1.20
CA GLY A 109 8.55 2.64 1.51
C GLY A 109 7.97 3.02 2.83
N THR A 110 7.51 1.99 3.54
CA THR A 110 6.88 2.10 4.85
C THR A 110 7.34 0.87 5.62
N ASP A 111 7.15 0.91 6.92
CA ASP A 111 7.37 -0.31 7.68
C ASP A 111 6.03 -1.10 7.59
N SER A 112 5.92 -2.11 6.72
CA SER A 112 4.66 -2.83 6.49
C SER A 112 3.90 -3.28 7.77
N LYS A 113 4.66 -3.81 8.72
CA LYS A 113 4.24 -4.25 10.04
C LYS A 113 3.35 -3.27 10.78
N GLU A 114 3.76 -2.00 10.74
CA GLU A 114 3.10 -0.95 11.48
C GLU A 114 1.68 -0.74 11.00
N SER A 115 1.33 -0.92 9.71
CA SER A 115 -0.07 -0.71 9.31
C SER A 115 -1.00 -1.79 9.87
N GLY A 116 -0.53 -3.05 9.89
CA GLY A 116 -1.21 -4.19 10.49
C GLY A 116 -1.38 -3.92 11.98
N VAL A 117 -0.34 -3.53 12.72
CA VAL A 117 -0.49 -3.20 14.12
C VAL A 117 -1.52 -2.08 14.34
N ILE A 118 -1.43 -0.94 13.66
CA ILE A 118 -2.41 0.15 13.78
C ILE A 118 -3.83 -0.33 13.42
N GLN A 119 -4.00 -1.14 12.39
CA GLN A 119 -5.30 -1.63 11.95
C GLN A 119 -5.88 -2.52 13.04
N GLY A 120 -5.07 -3.32 13.70
CA GLY A 120 -5.49 -4.14 14.81
C GLY A 120 -5.89 -3.29 16.01
N ASP A 121 -5.17 -2.21 16.29
CA ASP A 121 -5.60 -1.31 17.32
C ASP A 121 -6.86 -0.55 17.00
N LEU A 122 -7.15 -0.25 15.75
CA LEU A 122 -8.44 0.37 15.41
C LEU A 122 -9.59 -0.58 15.70
N ILE A 123 -9.48 -1.83 15.26
CA ILE A 123 -10.49 -2.86 15.45
C ILE A 123 -10.64 -3.07 16.95
N ALA A 124 -9.60 -3.27 17.76
CA ALA A 124 -9.71 -3.39 19.20
C ALA A 124 -10.44 -2.21 19.81
N LYS A 125 -10.08 -0.95 19.53
CA LYS A 125 -10.85 0.17 20.05
C LYS A 125 -12.36 0.12 19.69
N HIS A 126 -12.75 -0.16 18.44
CA HIS A 126 -14.14 -0.09 18.05
C HIS A 126 -14.86 -1.36 18.44
N TRP A 127 -14.22 -2.49 18.60
CA TRP A 127 -14.90 -3.68 19.07
C TRP A 127 -15.28 -3.44 20.54
N GLN A 128 -14.37 -2.97 21.42
CA GLN A 128 -14.71 -2.76 22.82
C GLN A 128 -15.92 -1.82 22.88
N ALA A 129 -15.82 -0.67 22.20
CA ALA A 129 -16.88 0.31 22.16
C ALA A 129 -18.18 -0.17 21.55
N ASN A 130 -18.23 -1.15 20.62
CA ASN A 130 -19.47 -1.51 19.97
C ASN A 130 -19.76 -2.96 20.26
N GLN A 131 -20.32 -3.12 21.45
CA GLN A 131 -20.59 -4.45 21.96
C GLN A 131 -21.54 -5.26 21.11
N GLY A 132 -22.46 -4.63 20.37
CA GLY A 132 -23.42 -5.32 19.51
C GLY A 132 -22.79 -5.96 18.26
N TRP A 133 -21.53 -5.60 17.91
CA TRP A 133 -20.85 -6.23 16.79
C TRP A 133 -20.55 -7.72 17.03
N ASP A 134 -20.60 -8.15 18.28
CA ASP A 134 -20.45 -9.54 18.66
C ASP A 134 -21.83 -10.21 18.53
N LEU A 135 -22.19 -10.50 17.27
CA LEU A 135 -23.47 -11.09 16.88
C LEU A 135 -23.81 -12.35 17.63
N ASN A 136 -22.88 -13.29 17.71
CA ASN A 136 -23.17 -14.47 18.49
C ASN A 136 -22.78 -14.38 19.96
N LYS A 137 -22.55 -13.21 20.56
CA LYS A 137 -22.19 -13.05 21.97
C LYS A 137 -21.19 -13.99 22.61
N ASP A 138 -20.14 -14.40 21.93
CA ASP A 138 -19.13 -15.27 22.54
C ASP A 138 -17.85 -14.57 23.00
N GLY A 139 -17.78 -13.26 22.90
CA GLY A 139 -16.53 -12.55 23.18
C GLY A 139 -15.43 -12.61 22.11
N LYS A 140 -15.56 -13.42 21.04
CA LYS A 140 -14.58 -13.52 19.99
C LYS A 140 -14.99 -12.82 18.73
N ILE A 141 -14.01 -12.40 17.96
CA ILE A 141 -14.28 -11.78 16.66
C ILE A 141 -14.28 -12.86 15.58
N GLN A 142 -15.37 -13.01 14.84
CA GLN A 142 -15.46 -13.99 13.78
C GLN A 142 -15.28 -13.09 12.56
N TYR A 143 -14.26 -13.27 11.74
CA TYR A 143 -14.02 -12.27 10.70
C TYR A 143 -13.73 -12.91 9.37
N VAL A 144 -13.66 -12.14 8.30
CA VAL A 144 -13.19 -12.60 7.00
C VAL A 144 -12.06 -11.65 6.63
N LEU A 145 -11.05 -12.13 5.90
CA LEU A 145 -9.94 -11.27 5.53
C LEU A 145 -9.74 -11.37 4.02
N LEU A 146 -9.60 -10.16 3.44
CA LEU A 146 -9.30 -9.90 2.03
C LEU A 146 -7.83 -9.42 1.95
N LYS A 147 -7.02 -10.35 1.47
CA LYS A 147 -5.59 -10.20 1.34
C LYS A 147 -5.19 -9.63 -0.01
N GLY A 148 -4.07 -8.91 -0.03
CA GLY A 148 -3.49 -8.35 -1.25
C GLY A 148 -2.71 -9.39 -2.06
N GLU A 149 -1.65 -9.01 -2.75
CA GLU A 149 -0.88 -9.98 -3.52
C GLU A 149 -0.10 -10.87 -2.57
N PRO A 150 -0.25 -12.19 -2.65
CA PRO A 150 0.53 -13.09 -1.85
C PRO A 150 2.00 -12.92 -2.23
N GLY A 151 2.77 -12.73 -1.16
CA GLY A 151 4.18 -12.54 -1.23
C GLY A 151 4.49 -11.07 -1.11
N HIS A 152 3.58 -10.17 -1.46
CA HIS A 152 3.83 -8.76 -1.32
C HIS A 152 4.11 -8.38 0.12
N PRO A 153 5.18 -7.67 0.51
CA PRO A 153 5.52 -7.39 1.91
C PRO A 153 4.37 -6.75 2.69
N ASP A 154 3.61 -5.84 2.07
CA ASP A 154 2.49 -5.23 2.75
C ASP A 154 1.34 -6.17 3.02
N ALA A 155 1.03 -7.06 2.10
CA ALA A 155 -0.07 -7.96 2.26
C ALA A 155 0.25 -8.93 3.38
N GLU A 156 1.45 -9.43 3.33
CA GLU A 156 1.78 -10.45 4.30
C GLU A 156 1.91 -9.87 5.71
N ALA A 157 2.51 -8.70 5.87
CA ALA A 157 2.59 -8.13 7.18
C ALA A 157 1.25 -7.67 7.73
N ARG A 158 0.36 -7.11 6.90
CA ARG A 158 -0.94 -6.67 7.31
C ARG A 158 -1.79 -7.90 7.66
N THR A 159 -1.62 -9.05 7.00
CA THR A 159 -2.43 -10.21 7.31
C THR A 159 -2.01 -10.81 8.65
N THR A 160 -0.70 -10.92 8.82
CA THR A 160 -0.16 -11.38 10.08
C THR A 160 -0.40 -10.44 11.27
N TYR A 161 -0.15 -9.15 11.16
CA TYR A 161 -0.07 -8.30 12.30
C TYR A 161 -1.41 -7.78 12.77
N VAL A 162 -2.46 -7.75 11.94
CA VAL A 162 -3.77 -7.40 12.48
C VAL A 162 -4.28 -8.41 13.50
N VAL A 163 -4.14 -9.70 13.26
CA VAL A 163 -4.61 -10.74 14.17
C VAL A 163 -3.64 -10.75 15.36
N LYS A 164 -2.31 -10.72 15.19
CA LYS A 164 -1.39 -10.68 16.32
C LYS A 164 -1.69 -9.52 17.25
N GLU A 165 -1.96 -8.34 16.74
CA GLU A 165 -2.25 -7.22 17.59
C GLU A 165 -3.55 -7.36 18.38
N LEU A 166 -4.65 -7.80 17.75
CA LEU A 166 -5.91 -8.03 18.45
C LEU A 166 -5.65 -9.04 19.54
N ASN A 167 -4.91 -10.11 19.22
CA ASN A 167 -4.70 -11.15 20.21
C ASN A 167 -3.95 -10.64 21.42
N ASP A 168 -2.92 -9.85 21.09
CA ASP A 168 -2.11 -9.17 22.07
C ASP A 168 -2.93 -8.18 22.87
N LYS A 169 -3.92 -7.54 22.27
CA LYS A 169 -4.76 -6.65 23.04
C LYS A 169 -5.91 -7.41 23.79
N GLY A 170 -5.79 -8.73 23.92
CA GLY A 170 -6.74 -9.53 24.65
C GLY A 170 -7.88 -10.12 23.82
N ILE A 171 -8.00 -9.79 22.54
CA ILE A 171 -9.18 -10.16 21.77
C ILE A 171 -8.98 -11.35 20.88
N GLN A 172 -9.69 -12.42 21.21
CA GLN A 172 -9.63 -13.64 20.47
C GLN A 172 -10.47 -13.50 19.21
N THR A 173 -10.03 -14.25 18.21
CA THR A 173 -10.49 -14.13 16.85
C THR A 173 -10.72 -15.55 16.32
N GLU A 174 -11.61 -15.67 15.32
CA GLU A 174 -11.92 -16.89 14.61
C GLU A 174 -12.05 -16.44 13.15
N GLN A 175 -11.20 -17.04 12.33
CA GLN A 175 -11.10 -16.67 10.95
C GLN A 175 -12.09 -17.54 10.26
N LEU A 176 -13.06 -16.85 9.68
CA LEU A 176 -14.09 -17.59 8.96
C LEU A 176 -13.61 -17.90 7.59
N ALA A 177 -12.87 -17.00 6.96
CA ALA A 177 -12.37 -17.17 5.62
C ALA A 177 -11.40 -16.07 5.34
N LEU A 178 -10.43 -16.40 4.49
CA LEU A 178 -9.39 -15.50 4.02
C LEU A 178 -9.15 -15.92 2.58
N ASP A 179 -8.99 -14.98 1.67
CA ASP A 179 -8.60 -15.26 0.30
C ASP A 179 -8.12 -13.93 -0.27
N THR A 180 -7.29 -14.00 -1.32
CA THR A 180 -6.74 -12.84 -1.95
C THR A 180 -7.70 -12.25 -2.96
N ALA A 181 -7.79 -10.94 -3.00
CA ALA A 181 -8.50 -10.30 -4.08
C ALA A 181 -7.56 -9.33 -4.80
N MET A 182 -6.27 -9.50 -4.52
CA MET A 182 -5.18 -8.87 -5.23
C MET A 182 -5.20 -7.38 -5.48
N TRP A 183 -5.46 -6.73 -4.36
CA TRP A 183 -5.54 -5.28 -4.21
C TRP A 183 -6.68 -4.63 -5.03
N ASP A 184 -7.57 -5.45 -5.58
CA ASP A 184 -8.63 -4.98 -6.46
C ASP A 184 -10.09 -4.96 -5.95
N THR A 185 -10.79 -3.87 -6.18
CA THR A 185 -12.20 -3.71 -5.88
C THR A 185 -13.16 -4.76 -6.44
N ALA A 186 -13.16 -4.99 -7.75
CA ALA A 186 -14.07 -5.94 -8.36
C ALA A 186 -13.83 -7.35 -7.88
N GLN A 187 -12.58 -7.76 -7.64
CA GLN A 187 -12.32 -9.12 -7.20
C GLN A 187 -12.74 -9.29 -5.76
N ALA A 188 -12.60 -8.24 -4.95
CA ALA A 188 -13.04 -8.32 -3.56
C ALA A 188 -14.59 -8.33 -3.54
N LYS A 189 -15.27 -7.56 -4.40
CA LYS A 189 -16.72 -7.62 -4.49
C LYS A 189 -17.20 -9.04 -4.73
N ASP A 190 -16.57 -9.74 -5.69
CA ASP A 190 -16.93 -11.12 -5.97
C ASP A 190 -16.79 -12.09 -4.85
N LYS A 191 -15.66 -11.92 -4.20
CA LYS A 191 -15.27 -12.78 -3.12
C LYS A 191 -16.21 -12.56 -1.93
N MET A 192 -16.54 -11.31 -1.59
CA MET A 192 -17.48 -11.03 -0.51
C MET A 192 -18.89 -11.54 -0.87
N ASP A 193 -19.39 -11.28 -2.07
CA ASP A 193 -20.65 -11.82 -2.54
C ASP A 193 -20.72 -13.35 -2.31
N ALA A 194 -19.65 -14.03 -2.72
CA ALA A 194 -19.55 -15.45 -2.48
C ALA A 194 -19.58 -15.79 -0.99
N TRP A 195 -18.94 -15.05 -0.09
CA TRP A 195 -18.99 -15.37 1.32
C TRP A 195 -20.38 -15.17 1.89
N LEU A 196 -21.03 -14.11 1.42
CA LEU A 196 -22.40 -13.79 1.80
C LEU A 196 -23.45 -14.72 1.17
N SER A 197 -23.03 -15.54 0.19
CA SER A 197 -23.94 -16.49 -0.38
C SER A 197 -23.62 -17.90 0.10
N GLY A 198 -22.65 -18.02 0.98
CA GLY A 198 -22.29 -19.33 1.43
C GLY A 198 -22.79 -19.56 2.85
N PRO A 199 -22.42 -20.72 3.38
CA PRO A 199 -22.81 -21.20 4.70
C PRO A 199 -22.56 -20.33 5.95
N ASN A 200 -21.60 -19.39 6.01
CA ASN A 200 -21.45 -18.64 7.22
C ASN A 200 -21.60 -17.16 7.00
N ALA A 201 -22.48 -16.82 6.10
CA ALA A 201 -22.79 -15.44 5.85
C ALA A 201 -23.28 -14.78 7.15
N ASN A 202 -24.02 -15.52 7.97
CA ASN A 202 -24.63 -14.99 9.21
C ASN A 202 -23.69 -14.90 10.39
N LYS A 203 -22.48 -15.37 10.24
CA LYS A 203 -21.59 -15.45 11.36
C LYS A 203 -20.52 -14.43 11.22
N ILE A 204 -20.42 -13.79 10.07
CA ILE A 204 -19.39 -12.82 9.78
C ILE A 204 -19.65 -11.59 10.60
N GLU A 205 -18.66 -11.21 11.40
CA GLU A 205 -18.88 -10.02 12.21
C GLU A 205 -18.05 -8.84 11.79
N VAL A 206 -16.85 -9.11 11.21
CA VAL A 206 -15.93 -8.03 10.88
C VAL A 206 -15.30 -8.35 9.55
N VAL A 207 -15.22 -7.38 8.65
CA VAL A 207 -14.52 -7.57 7.40
C VAL A 207 -13.21 -6.79 7.54
N ILE A 208 -12.08 -7.49 7.49
CA ILE A 208 -10.78 -6.84 7.54
C ILE A 208 -10.18 -6.98 6.15
N ALA A 209 -9.77 -5.86 5.59
CA ALA A 209 -9.09 -5.89 4.31
C ALA A 209 -7.71 -5.22 4.42
N ASN A 210 -6.77 -5.79 3.64
CA ASN A 210 -5.43 -5.30 3.55
C ASN A 210 -5.41 -3.99 2.81
N ASN A 211 -6.37 -3.49 2.02
CA ASN A 211 -6.28 -2.12 1.48
C ASN A 211 -7.72 -1.60 1.26
N ASP A 212 -7.90 -0.36 0.85
CA ASP A 212 -9.19 0.27 0.71
C ASP A 212 -9.90 -0.14 -0.53
N ALA A 213 -9.23 -0.35 -1.67
CA ALA A 213 -9.91 -0.73 -2.90
C ALA A 213 -10.70 -2.00 -2.61
N MET A 214 -10.10 -3.02 -1.98
CA MET A 214 -10.81 -4.26 -1.63
C MET A 214 -11.94 -3.99 -0.62
N ALA A 215 -11.69 -3.14 0.41
CA ALA A 215 -12.71 -2.78 1.39
C ALA A 215 -13.93 -2.21 0.70
N MET A 216 -13.74 -1.31 -0.26
CA MET A 216 -14.83 -0.73 -0.97
C MET A 216 -15.59 -1.79 -1.77
N GLY A 217 -14.92 -2.86 -2.22
CA GLY A 217 -15.54 -3.94 -2.95
C GLY A 217 -16.42 -4.73 -1.97
N ALA A 218 -15.93 -5.00 -0.75
CA ALA A 218 -16.71 -5.71 0.24
C ALA A 218 -17.89 -4.84 0.66
N VAL A 219 -17.71 -3.53 0.80
CA VAL A 219 -18.81 -2.62 1.14
C VAL A 219 -19.89 -2.72 0.09
N GLU A 220 -19.67 -2.94 -1.19
CA GLU A 220 -20.83 -2.97 -2.06
C GLU A 220 -21.39 -4.36 -2.21
N ALA A 221 -20.65 -5.44 -1.90
CA ALA A 221 -21.29 -6.75 -1.83
C ALA A 221 -22.17 -6.80 -0.56
N LEU A 222 -21.66 -6.23 0.53
CA LEU A 222 -22.31 -6.15 1.80
C LEU A 222 -23.53 -5.29 1.61
N LYS A 223 -23.60 -4.09 1.05
CA LYS A 223 -24.91 -3.46 0.90
C LYS A 223 -25.79 -4.18 -0.11
N ALA A 224 -25.31 -4.85 -1.17
CA ALA A 224 -26.18 -5.63 -2.04
C ALA A 224 -26.99 -6.70 -1.30
N HIS A 225 -26.42 -7.27 -0.24
CA HIS A 225 -27.12 -8.27 0.56
C HIS A 225 -27.79 -7.59 1.73
N ASN A 226 -27.86 -6.27 1.73
CA ASN A 226 -28.43 -5.49 2.81
C ASN A 226 -27.83 -5.88 4.16
N LYS A 227 -26.51 -6.08 4.14
CA LYS A 227 -25.76 -6.40 5.35
C LYS A 227 -24.86 -5.19 5.62
N SER A 228 -25.46 -4.04 5.39
CA SER A 228 -24.88 -2.74 5.54
C SER A 228 -24.46 -2.46 6.99
N SER A 229 -24.79 -3.31 7.96
CA SER A 229 -24.31 -3.12 9.32
C SER A 229 -22.95 -3.75 9.70
N ILE A 230 -22.30 -4.49 8.80
CA ILE A 230 -21.05 -5.18 9.11
C ILE A 230 -19.97 -4.12 9.03
N PRO A 231 -19.10 -3.93 10.06
CA PRO A 231 -17.95 -3.02 10.04
C PRO A 231 -16.86 -3.55 9.13
N VAL A 232 -16.33 -2.63 8.34
CA VAL A 232 -15.30 -2.91 7.37
C VAL A 232 -14.11 -2.04 7.72
N PHE A 233 -12.93 -2.61 7.79
CA PHE A 233 -11.71 -1.81 7.99
C PHE A 233 -10.76 -1.97 6.80
N GLY A 234 -10.06 -0.93 6.36
CA GLY A 234 -9.09 -1.06 5.27
C GLY A 234 -7.73 -0.45 5.63
N VAL A 235 -6.88 -0.10 4.66
CA VAL A 235 -5.56 0.51 4.83
C VAL A 235 -5.39 1.36 3.56
N ASP A 236 -4.85 2.58 3.72
CA ASP A 236 -4.42 3.60 2.76
C ASP A 236 -4.98 4.98 2.91
N ALA A 237 -6.19 5.20 3.44
CA ALA A 237 -6.89 6.51 3.58
C ALA A 237 -7.10 7.26 2.25
N LEU A 238 -7.60 6.49 1.30
CA LEU A 238 -7.86 7.01 -0.02
C LEU A 238 -8.99 7.98 0.17
N PRO A 239 -9.03 9.08 -0.57
CA PRO A 239 -10.13 10.04 -0.56
C PRO A 239 -11.52 9.40 -0.63
N GLU A 240 -11.66 8.37 -1.41
CA GLU A 240 -12.91 7.65 -1.53
C GLU A 240 -13.21 6.84 -0.28
N ALA A 241 -12.20 6.34 0.43
CA ALA A 241 -12.44 5.56 1.62
C ALA A 241 -12.73 6.50 2.80
N LEU A 242 -12.14 7.69 2.84
CA LEU A 242 -12.44 8.67 3.87
C LEU A 242 -13.90 9.10 3.80
N ALA A 243 -14.47 9.13 2.61
CA ALA A 243 -15.88 9.40 2.41
C ALA A 243 -16.71 8.28 3.01
N LEU A 244 -16.35 7.02 2.78
CA LEU A 244 -17.06 5.94 3.44
C LEU A 244 -16.85 5.92 4.95
N VAL A 245 -15.67 6.28 5.48
CA VAL A 245 -15.45 6.32 6.92
C VAL A 245 -16.38 7.42 7.45
N LYS A 246 -16.52 8.50 6.72
CA LYS A 246 -17.39 9.60 7.07
C LYS A 246 -18.85 9.19 7.09
N SER A 247 -19.29 8.38 6.15
CA SER A 247 -20.68 7.96 6.17
C SER A 247 -20.84 6.78 7.13
N GLY A 248 -19.72 6.27 7.65
CA GLY A 248 -19.78 5.19 8.58
C GLY A 248 -19.84 3.90 7.80
N ALA A 249 -19.87 3.89 6.45
CA ALA A 249 -19.90 2.59 5.74
C ALA A 249 -18.59 1.83 5.98
N MET A 250 -17.49 2.52 6.28
CA MET A 250 -16.31 1.78 6.74
C MET A 250 -16.04 2.21 8.17
N ALA A 251 -15.48 1.38 9.04
CA ALA A 251 -15.17 1.73 10.40
C ALA A 251 -13.78 2.37 10.64
N GLY A 252 -12.80 2.19 9.79
CA GLY A 252 -11.54 2.83 9.98
C GLY A 252 -10.62 2.43 8.85
N THR A 253 -9.62 3.32 8.68
CA THR A 253 -8.49 3.09 7.78
C THR A 253 -7.15 3.48 8.40
N VAL A 254 -6.05 3.19 7.73
CA VAL A 254 -4.72 3.62 8.12
C VAL A 254 -4.17 4.48 6.97
N LEU A 255 -3.84 5.75 7.18
CA LEU A 255 -3.20 6.52 6.11
C LEU A 255 -1.84 5.93 5.59
N ASN A 256 -1.74 5.66 4.28
CA ASN A 256 -0.51 5.20 3.68
C ASN A 256 -0.19 6.49 2.97
N ASP A 257 0.87 7.09 3.44
CA ASP A 257 1.18 8.43 3.07
C ASP A 257 1.75 8.60 1.69
N ALA A 258 0.87 8.61 0.70
CA ALA A 258 1.26 8.83 -0.68
C ALA A 258 2.05 10.11 -0.90
N ASN A 259 1.68 11.21 -0.24
CA ASN A 259 2.36 12.44 -0.53
C ASN A 259 3.79 12.49 -0.05
N ASN A 260 4.16 11.97 1.13
CA ASN A 260 5.56 12.08 1.53
C ASN A 260 6.42 11.02 0.93
N GLN A 261 5.82 9.88 0.52
CA GLN A 261 6.60 8.82 -0.09
C GLN A 261 6.94 9.24 -1.51
N ALA A 262 6.01 9.92 -2.17
CA ALA A 262 6.20 10.44 -3.50
C ALA A 262 7.21 11.57 -3.46
N LYS A 263 7.17 12.40 -2.41
CA LYS A 263 8.13 13.47 -2.17
C LYS A 263 9.51 12.87 -1.89
N ALA A 264 9.70 11.96 -0.95
CA ALA A 264 10.95 11.32 -0.72
C ALA A 264 11.52 10.68 -1.96
N THR A 265 10.75 9.95 -2.79
CA THR A 265 11.25 9.32 -4.04
C THR A 265 11.82 10.36 -4.97
N PHE A 266 11.16 11.50 -5.06
CA PHE A 266 11.46 12.57 -5.96
C PHE A 266 12.75 13.23 -5.51
N ASP A 267 12.81 13.52 -4.23
CA ASP A 267 13.97 14.12 -3.65
C ASP A 267 15.19 13.25 -3.72
N LEU A 268 15.14 11.95 -3.47
CA LEU A 268 16.35 11.16 -3.54
C LEU A 268 16.78 10.95 -5.00
N ALA A 269 15.84 10.65 -5.93
CA ALA A 269 16.12 10.45 -7.33
C ALA A 269 16.74 11.71 -7.91
N LYS A 270 16.24 12.92 -7.64
CA LYS A 270 16.86 14.12 -8.21
C LYS A 270 18.25 14.33 -7.63
N ASN A 271 18.45 14.03 -6.33
CA ASN A 271 19.74 14.23 -5.71
C ASN A 271 20.81 13.39 -6.34
N LEU A 272 20.49 12.10 -6.39
CA LEU A 272 21.36 11.10 -6.97
C LEU A 272 21.57 11.40 -8.47
N ALA A 273 20.54 11.83 -9.23
CA ALA A 273 20.67 12.22 -10.63
C ALA A 273 21.66 13.37 -10.77
N GLU A 274 21.72 14.25 -9.78
CA GLU A 274 22.64 15.36 -9.83
C GLU A 274 23.95 15.08 -9.12
N GLY A 275 24.31 13.85 -8.79
CA GLY A 275 25.62 13.55 -8.21
C GLY A 275 25.80 13.85 -6.73
N LYS A 276 24.78 14.36 -6.04
CA LYS A 276 24.82 14.69 -4.64
C LYS A 276 24.48 13.49 -3.78
N GLY A 277 24.59 13.65 -2.47
CA GLY A 277 24.21 12.58 -1.55
C GLY A 277 22.68 12.47 -1.55
N ALA A 278 22.16 11.23 -1.40
CA ALA A 278 20.75 10.92 -1.53
C ALA A 278 19.81 11.81 -0.75
N ALA A 279 20.16 12.09 0.52
CA ALA A 279 19.39 12.99 1.37
C ALA A 279 19.90 14.43 1.41
N ASP A 280 20.84 14.86 0.60
CA ASP A 280 21.29 16.24 0.68
C ASP A 280 20.20 17.26 0.53
N GLY A 281 20.16 18.09 1.55
CA GLY A 281 19.27 19.22 1.64
C GLY A 281 17.90 18.78 2.06
N THR A 282 17.74 17.54 2.49
CA THR A 282 16.43 17.07 2.81
C THR A 282 16.49 16.68 4.27
N SER A 283 15.28 16.48 4.76
CA SER A 283 15.06 16.02 6.10
C SER A 283 14.63 14.57 6.04
N TRP A 284 14.98 13.81 5.03
CA TRP A 284 14.57 12.43 5.00
C TRP A 284 15.56 11.63 5.81
N LYS A 285 15.18 10.72 6.70
CA LYS A 285 16.17 9.95 7.38
C LYS A 285 16.29 8.59 6.74
N ILE A 286 17.46 8.41 6.17
CA ILE A 286 17.79 7.25 5.40
C ILE A 286 18.53 6.36 6.36
N GLU A 287 17.98 5.16 6.55
CA GLU A 287 18.57 4.16 7.37
C GLU A 287 18.84 2.94 6.50
N ASN A 288 20.13 2.68 6.25
CA ASN A 288 20.59 1.55 5.46
C ASN A 288 20.00 1.51 4.04
N LYS A 289 20.05 2.67 3.40
CA LYS A 289 19.58 2.95 2.06
C LYS A 289 18.03 3.04 2.06
N ILE A 290 17.29 2.90 3.19
CA ILE A 290 15.82 2.87 3.19
C ILE A 290 15.20 4.06 3.91
N VAL A 291 14.13 4.65 3.35
CA VAL A 291 13.34 5.72 3.98
C VAL A 291 12.01 5.02 4.16
N ARG A 292 11.49 5.02 5.37
CA ARG A 292 10.22 4.38 5.72
C ARG A 292 9.28 5.45 6.23
N VAL A 293 8.17 5.70 5.54
CA VAL A 293 7.27 6.73 5.98
C VAL A 293 6.18 6.10 6.91
N PRO A 294 5.76 6.82 7.98
CA PRO A 294 4.81 6.32 8.96
C PRO A 294 3.37 6.23 8.43
N TYR A 295 2.69 5.21 8.92
CA TYR A 295 1.27 5.03 8.67
C TYR A 295 0.54 5.81 9.77
N VAL A 296 -0.70 6.31 9.63
CA VAL A 296 -1.42 6.93 10.75
C VAL A 296 -2.79 6.31 10.80
N GLY A 297 -3.35 5.96 11.95
CA GLY A 297 -4.71 5.38 12.05
C GLY A 297 -5.74 6.49 11.88
N VAL A 298 -6.84 6.23 11.19
CA VAL A 298 -7.89 7.21 10.89
C VAL A 298 -9.28 6.60 11.11
N ASP A 299 -10.10 7.24 11.93
CA ASP A 299 -11.46 6.81 12.13
C ASP A 299 -12.34 8.05 12.29
N LYS A 300 -13.61 7.99 12.68
CA LYS A 300 -14.45 9.18 12.80
C LYS A 300 -13.92 10.26 13.73
N ASP A 301 -13.19 9.93 14.78
CA ASP A 301 -12.64 10.91 15.73
C ASP A 301 -11.45 11.77 15.30
N ASN A 302 -10.57 11.31 14.43
CA ASN A 302 -9.51 12.20 14.03
C ASN A 302 -9.65 12.45 12.55
N LEU A 303 -10.85 12.22 11.95
CA LEU A 303 -11.05 12.31 10.51
C LEU A 303 -10.88 13.69 9.90
N SER A 304 -11.08 14.72 10.72
CA SER A 304 -10.94 16.10 10.27
C SER A 304 -9.52 16.58 9.95
N GLU A 305 -8.56 15.72 10.32
CA GLU A 305 -7.17 15.97 9.99
C GLU A 305 -6.87 15.48 8.58
N PHE A 306 -7.80 14.75 7.94
CA PHE A 306 -7.54 14.11 6.66
C PHE A 306 -8.45 14.64 5.56
N THR A 307 -9.66 15.03 5.93
CA THR A 307 -10.64 15.68 5.09
C THR A 307 -11.46 16.53 6.07
C2 BGC B . -1.06 -0.35 -0.83
C3 BGC B . -1.89 -1.03 -1.92
C4 BGC B . -1.11 -0.86 -3.24
C5 BGC B . 0.18 -1.66 -3.16
C6 BGC B . 1.00 -1.59 -4.47
C1 BGC B . 0.32 -1.07 -0.77
O1 BGC B . 1.12 -0.36 0.14
O2 BGC B . -1.79 -0.37 0.39
O3 BGC B . -3.21 -0.54 -2.02
O4 BGC B . -1.95 -1.35 -4.21
O5 BGC B . 0.96 -1.14 -2.05
O6 BGC B . 2.21 -2.31 -4.34
H2 BGC B . -0.89 0.71 -1.10
H3 BGC B . -1.95 -2.09 -1.66
H4 BGC B . -0.88 0.20 -3.44
H5 BGC B . -0.04 -2.73 -2.97
H61 BGC B . 1.22 -0.53 -4.73
H62 BGC B . 0.41 -2.00 -5.31
H1 BGC B . 0.22 -2.09 -0.40
HO1 BGC B . 1.99 -0.17 -0.23
HO2 BGC B . -1.99 -1.28 0.62
HO3 BGC B . -3.40 -0.15 -1.15
HO4 BGC B . -2.65 -1.86 -3.79
HO6 BGC B . 2.90 -1.80 -4.82
CA CA C . -18.48 -13.36 17.92
#